data_1VM7
#
_entry.id   1VM7
#
_cell.length_a   181.142
_cell.length_b   45.265
_cell.length_c   77.260
_cell.angle_alpha   90.00
_cell.angle_beta   93.30
_cell.angle_gamma   90.00
#
_symmetry.space_group_name_H-M   'C 1 2 1'
#
loop_
_entity.id
_entity.type
_entity.pdbx_description
1 polymer ribokinase
2 water water
#
_entity_poly.entity_id   1
_entity_poly.type   'polypeptide(L)'
_entity_poly.pdbx_seq_one_letter_code
;MGSDKIHHHHHHMFLVISVVGSSNIDIVLKVDHFTKPGETQKAIEMNVFPGGKGANQAVTVAKIGEKGCRFVTCIGNDDY
SDLLIENYEKLGITGYIRVSLPTGRAFIEVDKTGQNRIIIFPGANAELKKELIDWNTLSESDILLLQNEIPFETTLECAK
RFNGIVIFDPAPAQGINEEIFQYLDYLTPNEKEIEALSKDFFGEFLTVEKAAEKFLELGVKNVIVKLGDKGVLLVNKNEK
KHFPTFKVKAVDTTAAGDVFNGAFAVALSEGKNPEEAVIFGTAAAAISVTRLGAQSSIPAREEVEAFLKNL
;
_entity_poly.pdbx_strand_id   A,B
#
# COMPACT_ATOMS: atom_id res chain seq x y z
N MET A 13 -12.99 -31.72 -27.85
CA MET A 13 -12.78 -30.52 -28.73
C MET A 13 -11.44 -29.90 -28.39
N PHE A 14 -11.50 -28.87 -27.56
CA PHE A 14 -10.30 -28.25 -27.07
C PHE A 14 -10.02 -28.87 -25.71
N LEU A 15 -8.76 -28.83 -25.30
CA LEU A 15 -8.37 -29.30 -23.98
C LEU A 15 -8.68 -28.22 -22.95
N VAL A 16 -9.12 -28.63 -21.76
CA VAL A 16 -9.57 -27.69 -20.75
C VAL A 16 -8.40 -27.31 -19.87
N ILE A 17 -8.23 -26.01 -19.67
CA ILE A 17 -7.10 -25.45 -18.91
C ILE A 17 -7.54 -24.94 -17.51
N SER A 18 -6.77 -25.35 -16.50
CA SER A 18 -6.87 -24.81 -15.17
C SER A 18 -5.56 -24.16 -14.80
N VAL A 19 -5.65 -23.01 -14.12
CA VAL A 19 -4.50 -22.38 -13.51
C VAL A 19 -4.70 -22.51 -12.01
N VAL A 20 -3.65 -22.92 -11.30
CA VAL A 20 -3.69 -22.97 -9.86
C VAL A 20 -2.56 -22.07 -9.37
N GLY A 21 -2.91 -20.97 -8.76
CA GLY A 21 -1.92 -19.97 -8.45
C GLY A 21 -2.43 -18.67 -7.86
N SER A 22 -1.61 -17.65 -8.05
CA SER A 22 -1.64 -16.44 -7.26
C SER A 22 -2.45 -15.29 -7.88
N SER A 23 -3.09 -14.51 -7.02
CA SER A 23 -3.76 -13.25 -7.37
C SER A 23 -3.21 -12.14 -6.43
N ASN A 24 -2.76 -11.01 -6.97
CA ASN A 24 -2.13 -9.91 -6.23
C ASN A 24 -2.68 -8.59 -6.77
N ILE A 25 -2.81 -7.62 -5.89
CA ILE A 25 -3.01 -6.23 -6.29
C ILE A 25 -1.65 -5.60 -6.25
N ASP A 26 -1.23 -4.97 -7.34
CA ASP A 26 0.03 -4.20 -7.34
C ASP A 26 -0.29 -2.74 -7.09
N ILE A 27 0.23 -2.23 -5.98
CA ILE A 27 -0.02 -0.86 -5.55
C ILE A 27 1.24 -0.05 -5.83
N VAL A 28 1.17 0.81 -6.87
CA VAL A 28 2.36 1.49 -7.32
C VAL A 28 2.33 2.88 -6.75
N LEU A 29 3.31 3.19 -5.92
CA LEU A 29 3.42 4.50 -5.33
C LEU A 29 4.60 5.23 -6.01
N LYS A 30 4.26 6.23 -6.80
CA LYS A 30 5.20 7.05 -7.51
C LYS A 30 5.71 8.15 -6.56
N VAL A 31 7.03 8.19 -6.36
CA VAL A 31 7.67 9.17 -5.47
C VAL A 31 8.83 9.85 -6.17
N ASP A 32 9.25 10.98 -5.64
CA ASP A 32 10.40 11.70 -6.18
C ASP A 32 11.69 10.88 -5.98
N HIS A 33 11.89 10.42 -4.77
CA HIS A 33 13.10 9.72 -4.40
C HIS A 33 12.67 8.60 -3.48
N PHE A 34 13.52 7.60 -3.34
CA PHE A 34 13.19 6.54 -2.42
C PHE A 34 13.09 7.14 -1.02
N THR A 35 11.99 6.83 -0.34
CA THR A 35 11.79 7.30 1.01
C THR A 35 12.88 6.76 1.95
N LYS A 36 13.53 7.68 2.67
CA LYS A 36 14.58 7.32 3.57
C LYS A 36 13.99 6.86 4.93
N PRO A 37 14.74 6.05 5.71
CA PRO A 37 14.30 5.76 7.08
C PRO A 37 14.00 7.06 7.85
N GLY A 38 12.86 7.11 8.53
CA GLY A 38 12.49 8.30 9.32
C GLY A 38 11.82 9.40 8.50
N GLU A 39 11.77 9.22 7.18
CA GLU A 39 11.19 10.23 6.31
C GLU A 39 9.72 9.94 6.08
N THR A 40 8.92 11.00 6.03
CA THR A 40 7.55 10.96 5.56
C THR A 40 7.56 11.65 4.19
N GLN A 41 7.11 10.96 3.16
CA GLN A 41 7.12 11.53 1.81
C GLN A 41 5.75 11.36 1.19
N LYS A 42 5.27 12.39 0.49
CA LYS A 42 4.01 12.32 -0.25
C LYS A 42 4.17 11.51 -1.52
N ALA A 43 3.24 10.60 -1.80
CA ALA A 43 3.21 9.93 -3.11
C ALA A 43 2.76 10.93 -4.17
N ILE A 44 3.48 10.99 -5.28
CA ILE A 44 3.06 11.77 -6.41
C ILE A 44 1.77 11.17 -7.01
N GLU A 45 1.73 9.85 -7.09
CA GLU A 45 0.55 9.16 -7.56
C GLU A 45 0.47 7.81 -6.88
N MET A 46 -0.76 7.31 -6.78
CA MET A 46 -1.02 5.93 -6.43
C MET A 46 -1.91 5.33 -7.50
N ASN A 47 -1.45 4.22 -8.05
CA ASN A 47 -2.16 3.47 -9.05
C ASN A 47 -2.15 2.00 -8.73
N VAL A 48 -3.28 1.34 -8.88
CA VAL A 48 -3.48 -0.03 -8.49
C VAL A 48 -3.82 -0.85 -9.74
N PHE A 49 -3.18 -2.00 -9.85
CA PHE A 49 -3.29 -2.84 -11.00
C PHE A 49 -3.45 -4.27 -10.50
N PRO A 50 -4.27 -5.06 -11.19
CA PRO A 50 -4.27 -6.48 -10.91
C PRO A 50 -2.92 -7.15 -11.35
N GLY A 51 -2.53 -8.18 -10.61
CA GLY A 51 -1.25 -8.82 -10.79
C GLY A 51 -1.24 -10.19 -10.16
N GLY A 52 -0.05 -10.69 -9.89
CA GLY A 52 0.11 -12.08 -9.48
C GLY A 52 0.40 -12.87 -10.74
N LYS A 53 1.27 -13.85 -10.72
CA LYS A 53 1.54 -14.63 -11.96
C LYS A 53 0.42 -15.52 -12.38
N GLY A 54 -0.24 -16.12 -11.40
CA GLY A 54 -1.37 -17.00 -11.70
C GLY A 54 -2.42 -16.28 -12.48
N ALA A 55 -2.85 -15.13 -11.97
CA ALA A 55 -3.91 -14.36 -12.58
C ALA A 55 -3.55 -13.86 -13.95
N ASN A 56 -2.30 -13.43 -14.09
CA ASN A 56 -1.84 -12.95 -15.36
C ASN A 56 -1.95 -14.04 -16.40
N GLN A 57 -1.64 -15.27 -15.99
CA GLN A 57 -1.75 -16.40 -16.90
C GLN A 57 -3.19 -16.80 -17.17
N ALA A 58 -4.02 -16.83 -16.15
CA ALA A 58 -5.44 -17.13 -16.32
C ALA A 58 -6.11 -16.10 -17.24
N VAL A 59 -5.82 -14.84 -17.00
CA VAL A 59 -6.38 -13.74 -17.83
C VAL A 59 -5.89 -13.87 -19.28
N THR A 60 -4.65 -14.32 -19.44
CA THR A 60 -4.12 -14.60 -20.76
C THR A 60 -4.92 -15.73 -21.41
N VAL A 61 -5.09 -16.82 -20.68
CA VAL A 61 -5.82 -17.97 -21.19
C VAL A 61 -7.22 -17.56 -21.64
N ALA A 62 -7.94 -16.85 -20.78
CA ALA A 62 -9.30 -16.41 -21.02
C ALA A 62 -9.36 -15.51 -22.24
N LYS A 63 -8.46 -14.53 -22.31
CA LYS A 63 -8.52 -13.53 -23.36
C LYS A 63 -8.04 -14.07 -24.70
N ILE A 64 -7.01 -14.92 -24.69
CA ILE A 64 -6.48 -15.44 -25.95
C ILE A 64 -7.18 -16.73 -26.37
N GLY A 65 -7.57 -17.54 -25.39
CA GLY A 65 -8.32 -18.78 -25.63
C GLY A 65 -9.77 -18.56 -25.95
N GLU A 66 -10.33 -17.48 -25.41
CA GLU A 66 -11.72 -17.08 -25.64
C GLU A 66 -12.75 -18.10 -25.12
N LYS A 67 -12.32 -18.96 -24.22
CA LYS A 67 -13.20 -19.91 -23.57
C LYS A 67 -13.12 -19.80 -22.05
N GLY A 68 -12.78 -18.60 -21.56
CA GLY A 68 -12.65 -18.38 -20.13
C GLY A 68 -11.43 -19.08 -19.60
N CYS A 69 -11.42 -19.31 -18.29
CA CYS A 69 -10.33 -20.05 -17.66
C CYS A 69 -10.69 -20.49 -16.25
N ARG A 70 -10.40 -21.74 -15.94
CA ARG A 70 -10.52 -22.24 -14.58
C ARG A 70 -9.26 -21.82 -13.83
N PHE A 71 -9.46 -21.13 -12.73
CA PHE A 71 -8.36 -20.51 -12.04
C PHE A 71 -8.63 -20.67 -10.57
N VAL A 72 -7.94 -21.64 -9.97
CA VAL A 72 -8.04 -21.85 -8.53
C VAL A 72 -7.06 -20.89 -7.90
N THR A 73 -7.61 -20.03 -7.07
CA THR A 73 -6.82 -18.94 -6.46
C THR A 73 -7.50 -18.52 -5.17
N CYS A 74 -6.72 -18.05 -4.21
CA CYS A 74 -7.26 -17.56 -2.98
C CYS A 74 -7.21 -16.05 -2.95
N ILE A 75 -8.36 -15.43 -2.68
CA ILE A 75 -8.44 -14.00 -2.53
C ILE A 75 -9.19 -13.72 -1.25
N GLY A 76 -9.26 -12.47 -0.85
CA GLY A 76 -9.83 -12.09 0.43
C GLY A 76 -11.32 -11.82 0.32
N ASN A 77 -11.83 -11.08 1.29
CA ASN A 77 -13.23 -10.62 1.26
C ASN A 77 -13.31 -9.10 1.20
N ASP A 78 -12.27 -8.49 0.65
CA ASP A 78 -12.14 -7.06 0.70
C ASP A 78 -12.47 -6.42 -0.66
N ASP A 79 -12.42 -5.10 -0.70
CA ASP A 79 -12.68 -4.35 -1.90
C ASP A 79 -11.78 -4.81 -3.07
N TYR A 80 -10.53 -5.13 -2.79
CA TYR A 80 -9.68 -5.59 -3.84
C TYR A 80 -10.15 -6.94 -4.37
N SER A 81 -10.58 -7.83 -3.49
CA SER A 81 -11.08 -9.13 -3.94
C SER A 81 -12.32 -8.91 -4.86
N ASP A 82 -13.20 -8.00 -4.46
CA ASP A 82 -14.34 -7.61 -5.29
C ASP A 82 -13.92 -7.16 -6.66
N LEU A 83 -12.89 -6.32 -6.73
CA LEU A 83 -12.38 -5.87 -8.03
C LEU A 83 -11.85 -7.05 -8.86
N LEU A 84 -11.11 -7.95 -8.21
CA LEU A 84 -10.58 -9.13 -8.92
C LEU A 84 -11.72 -10.06 -9.40
N ILE A 85 -12.74 -10.23 -8.59
CA ILE A 85 -13.92 -11.03 -8.98
C ILE A 85 -14.60 -10.43 -10.21
N GLU A 86 -14.79 -9.11 -10.22
CA GLU A 86 -15.35 -8.45 -11.40
C GLU A 86 -14.53 -8.73 -12.62
N ASN A 87 -13.21 -8.60 -12.50
CA ASN A 87 -12.31 -8.84 -13.63
C ASN A 87 -12.49 -10.29 -14.07
N TYR A 88 -12.45 -11.21 -13.11
CA TYR A 88 -12.50 -12.64 -13.42
C TYR A 88 -13.82 -13.03 -14.08
N GLU A 89 -14.94 -12.53 -13.52
CA GLU A 89 -16.29 -12.80 -13.98
C GLU A 89 -16.46 -12.37 -15.42
N LYS A 90 -16.08 -11.12 -15.73
CA LYS A 90 -16.17 -10.58 -17.07
C LYS A 90 -15.42 -11.43 -18.11
N LEU A 91 -14.30 -12.05 -17.72
CA LEU A 91 -13.51 -12.88 -18.64
C LEU A 91 -13.85 -14.38 -18.62
N GLY A 92 -14.87 -14.77 -17.86
CA GLY A 92 -15.26 -16.16 -17.77
C GLY A 92 -14.29 -16.98 -16.96
N ILE A 93 -13.64 -16.33 -15.98
CA ILE A 93 -12.67 -16.97 -15.09
C ILE A 93 -13.38 -17.33 -13.76
N THR A 94 -13.39 -18.65 -13.48
CA THR A 94 -14.07 -19.24 -12.34
C THR A 94 -13.09 -20.04 -11.50
N GLY A 95 -13.43 -20.27 -10.23
CA GLY A 95 -12.66 -21.17 -9.35
C GLY A 95 -11.97 -20.49 -8.18
N TYR A 96 -12.08 -19.15 -8.10
CA TYR A 96 -11.50 -18.43 -6.98
C TYR A 96 -12.17 -18.83 -5.67
N ILE A 97 -11.40 -18.75 -4.59
CA ILE A 97 -11.82 -19.07 -3.24
C ILE A 97 -11.59 -17.85 -2.37
N ARG A 98 -12.61 -17.43 -1.63
CA ARG A 98 -12.49 -16.29 -0.75
C ARG A 98 -12.14 -16.72 0.65
N VAL A 99 -11.19 -16.03 1.28
CA VAL A 99 -10.76 -16.34 2.64
C VAL A 99 -10.76 -15.06 3.42
N SER A 100 -10.61 -15.13 4.74
CA SER A 100 -10.69 -13.94 5.58
C SER A 100 -9.38 -13.11 5.68
N LEU A 101 -8.30 -13.54 5.05
CA LEU A 101 -7.09 -12.73 5.03
C LEU A 101 -7.26 -11.64 3.97
N PRO A 102 -6.49 -10.54 4.06
CA PRO A 102 -6.54 -9.60 2.96
C PRO A 102 -6.05 -10.24 1.67
N THR A 103 -6.63 -9.82 0.56
CA THR A 103 -6.18 -10.22 -0.75
C THR A 103 -4.70 -9.90 -0.80
N GLY A 104 -3.90 -10.74 -1.46
CA GLY A 104 -2.47 -10.52 -1.59
C GLY A 104 -2.23 -9.19 -2.28
N ARG A 105 -1.19 -8.50 -1.83
CA ARG A 105 -0.84 -7.19 -2.36
C ARG A 105 0.65 -6.96 -2.38
N ALA A 106 1.10 -6.14 -3.31
CA ALA A 106 2.50 -5.77 -3.39
C ALA A 106 2.53 -4.25 -3.41
N PHE A 107 3.40 -3.70 -2.58
CA PHE A 107 3.55 -2.25 -2.45
C PHE A 107 4.85 -1.85 -3.13
N ILE A 108 4.70 -1.18 -4.26
CA ILE A 108 5.80 -0.94 -5.18
C ILE A 108 6.11 0.55 -5.14
N GLU A 109 7.27 0.90 -4.61
CA GLU A 109 7.70 2.30 -4.56
C GLU A 109 8.61 2.55 -5.73
N VAL A 110 8.24 3.48 -6.63
CA VAL A 110 8.96 3.81 -7.83
C VAL A 110 9.43 5.26 -7.79
N ASP A 111 10.73 5.49 -7.88
CA ASP A 111 11.23 6.88 -7.86
C ASP A 111 11.18 7.53 -9.24
N LYS A 112 11.67 8.74 -9.37
CA LYS A 112 11.55 9.48 -10.66
C LYS A 112 12.40 8.88 -11.79
N THR A 113 13.35 8.01 -11.44
CA THR A 113 14.22 7.36 -12.43
C THR A 113 13.54 6.08 -12.92
N GLY A 114 12.50 5.61 -12.22
CA GLY A 114 11.83 4.38 -12.61
C GLY A 114 12.36 3.16 -11.88
N GLN A 115 13.38 3.36 -11.05
CA GLN A 115 13.85 2.30 -10.18
C GLN A 115 12.81 2.10 -9.12
N ASN A 116 12.62 0.85 -8.72
CA ASN A 116 11.59 0.50 -7.75
C ASN A 116 12.11 -0.43 -6.66
N ARG A 117 11.29 -0.57 -5.62
CA ARG A 117 11.45 -1.64 -4.62
C ARG A 117 10.07 -2.02 -4.16
N ILE A 118 9.95 -3.21 -3.56
CA ILE A 118 8.66 -3.88 -3.43
C ILE A 118 8.57 -4.57 -2.06
N ILE A 119 7.48 -4.29 -1.35
CA ILE A 119 7.08 -5.07 -0.20
C ILE A 119 5.87 -5.92 -0.60
N ILE A 120 5.97 -7.23 -0.41
CA ILE A 120 4.97 -8.18 -0.81
C ILE A 120 4.27 -8.76 0.41
N PHE A 121 2.94 -8.66 0.42
CA PHE A 121 2.12 -9.27 1.46
C PHE A 121 1.35 -10.39 0.81
N PRO A 122 1.78 -11.62 1.04
CA PRO A 122 1.08 -12.72 0.39
C PRO A 122 -0.40 -12.81 0.67
N GLY A 123 -0.76 -12.63 1.92
CA GLY A 123 -2.14 -12.62 2.33
C GLY A 123 -2.83 -13.89 1.94
N ALA A 124 -3.98 -13.73 1.29
CA ALA A 124 -4.84 -14.83 0.89
C ALA A 124 -4.10 -15.90 0.08
N ASN A 125 -3.09 -15.53 -0.69
CA ASN A 125 -2.32 -16.52 -1.46
C ASN A 125 -1.71 -17.64 -0.59
N ALA A 126 -1.35 -17.29 0.64
CA ALA A 126 -0.75 -18.22 1.56
C ALA A 126 -1.76 -19.24 2.11
N GLU A 127 -3.04 -18.99 1.88
CA GLU A 127 -4.08 -19.86 2.35
C GLU A 127 -4.45 -20.93 1.36
N LEU A 128 -3.86 -20.90 0.17
CA LEU A 128 -4.17 -21.84 -0.88
C LEU A 128 -3.38 -23.11 -0.64
N LYS A 129 -3.95 -23.93 0.24
CA LYS A 129 -3.38 -25.18 0.70
C LYS A 129 -4.06 -26.35 0.02
N LYS A 130 -3.44 -27.51 0.16
CA LYS A 130 -3.84 -28.69 -0.58
C LYS A 130 -5.27 -29.13 -0.24
N GLU A 131 -5.69 -28.83 1.00
CA GLU A 131 -7.03 -29.12 1.50
C GLU A 131 -8.14 -28.31 0.82
N LEU A 132 -7.80 -27.21 0.17
CA LEU A 132 -8.77 -26.37 -0.52
C LEU A 132 -8.99 -26.76 -2.00
N ILE A 133 -8.12 -27.61 -2.54
CA ILE A 133 -8.19 -28.00 -3.94
C ILE A 133 -9.35 -28.96 -4.14
N ASP A 134 -10.28 -28.56 -5.00
CA ASP A 134 -11.37 -29.40 -5.44
C ASP A 134 -10.83 -30.35 -6.50
N TRP A 135 -10.28 -31.48 -6.06
CA TRP A 135 -9.61 -32.42 -6.96
C TRP A 135 -10.55 -33.05 -7.98
N ASN A 136 -11.79 -33.31 -7.57
CA ASN A 136 -12.76 -33.86 -8.49
C ASN A 136 -12.97 -32.88 -9.65
N THR A 137 -13.20 -31.62 -9.33
CA THR A 137 -13.34 -30.60 -10.36
C THR A 137 -12.06 -30.41 -11.16
N LEU A 138 -10.91 -30.42 -10.48
CA LEU A 138 -9.63 -30.23 -11.16
C LEU A 138 -9.36 -31.33 -12.17
N SER A 139 -9.85 -32.53 -11.89
CA SER A 139 -9.64 -33.65 -12.81
C SER A 139 -10.45 -33.50 -14.11
N GLU A 140 -11.35 -32.52 -14.13
CA GLU A 140 -12.06 -32.18 -15.37
C GLU A 140 -11.19 -31.40 -16.36
N SER A 141 -10.01 -30.94 -15.92
CA SER A 141 -9.07 -30.22 -16.78
C SER A 141 -8.04 -31.15 -17.42
N ASP A 142 -7.46 -30.70 -18.54
CA ASP A 142 -6.47 -31.46 -19.29
C ASP A 142 -5.09 -30.81 -19.29
N ILE A 143 -5.05 -29.51 -19.06
CA ILE A 143 -3.81 -28.75 -18.98
C ILE A 143 -3.80 -27.94 -17.67
N LEU A 144 -2.66 -27.96 -17.00
CA LEU A 144 -2.50 -27.32 -15.69
C LEU A 144 -1.35 -26.37 -15.68
N LEU A 145 -1.66 -25.11 -15.34
CA LEU A 145 -0.62 -24.08 -15.18
C LEU A 145 -0.35 -23.77 -13.71
N LEU A 146 0.93 -23.83 -13.37
CA LEU A 146 1.40 -23.62 -12.02
C LEU A 146 2.52 -22.59 -12.06
N GLN A 147 2.68 -21.87 -10.96
CA GLN A 147 3.84 -21.01 -10.73
C GLN A 147 4.34 -21.25 -9.31
N ASN A 148 5.12 -20.33 -8.77
CA ASN A 148 5.62 -20.56 -7.42
C ASN A 148 5.25 -19.43 -6.46
N GLU A 149 4.01 -18.94 -6.55
CA GLU A 149 3.53 -17.84 -5.69
C GLU A 149 2.39 -18.24 -4.72
N ILE A 150 2.30 -19.53 -4.43
CA ILE A 150 1.41 -20.06 -3.41
C ILE A 150 2.25 -21.09 -2.68
N PRO A 151 1.72 -21.64 -1.59
CA PRO A 151 2.54 -22.60 -0.85
C PRO A 151 3.00 -23.72 -1.74
N PHE A 152 4.28 -24.04 -1.68
CA PHE A 152 4.83 -24.98 -2.64
C PHE A 152 4.12 -26.33 -2.53
N GLU A 153 3.76 -26.71 -1.32
CA GLU A 153 3.10 -27.99 -1.09
C GLU A 153 1.85 -28.16 -1.93
N THR A 154 1.19 -27.04 -2.22
CA THR A 154 -0.03 -27.08 -3.00
C THR A 154 0.33 -27.25 -4.46
N THR A 155 1.25 -26.42 -4.92
CA THR A 155 1.78 -26.53 -6.26
C THR A 155 2.27 -27.95 -6.49
N LEU A 156 3.07 -28.46 -5.58
CA LEU A 156 3.63 -29.77 -5.73
C LEU A 156 2.54 -30.86 -5.79
N GLU A 157 1.57 -30.77 -4.89
CA GLU A 157 0.53 -31.77 -4.82
C GLU A 157 -0.29 -31.77 -6.11
N CYS A 158 -0.57 -30.59 -6.66
CA CYS A 158 -1.25 -30.48 -7.96
C CYS A 158 -0.49 -31.14 -9.10
N ALA A 159 0.80 -30.84 -9.20
CA ALA A 159 1.65 -31.44 -10.22
C ALA A 159 1.74 -32.95 -10.07
N LYS A 160 1.78 -33.40 -8.82
CA LYS A 160 1.76 -34.84 -8.52
C LYS A 160 0.46 -35.51 -8.97
N ARG A 161 -0.67 -34.92 -8.60
CA ARG A 161 -1.94 -35.58 -8.81
C ARG A 161 -2.54 -35.37 -10.21
N PHE A 162 -2.16 -34.31 -10.90
CA PHE A 162 -2.77 -33.98 -12.17
C PHE A 162 -2.57 -35.04 -13.21
N ASN A 163 -3.68 -35.62 -13.65
CA ASN A 163 -3.69 -36.39 -14.88
C ASN A 163 -3.98 -35.39 -16.00
N GLY A 164 -2.90 -34.97 -16.65
CA GLY A 164 -2.97 -34.02 -17.74
C GLY A 164 -1.60 -33.40 -17.93
N ILE A 165 -1.54 -32.38 -18.78
CA ILE A 165 -0.31 -31.68 -19.05
C ILE A 165 -0.05 -30.68 -17.93
N VAL A 166 1.11 -30.83 -17.29
CA VAL A 166 1.52 -30.00 -16.18
C VAL A 166 2.64 -29.07 -16.65
N ILE A 167 2.33 -27.77 -16.58
CA ILE A 167 3.22 -26.68 -16.93
C ILE A 167 3.55 -25.93 -15.64
N PHE A 168 4.85 -25.88 -15.29
CA PHE A 168 5.32 -25.22 -14.05
C PHE A 168 6.29 -24.09 -14.39
N ASP A 169 5.88 -22.87 -14.04
CA ASP A 169 6.67 -21.67 -14.20
C ASP A 169 7.39 -21.45 -12.85
N PRO A 170 8.71 -21.69 -12.85
CA PRO A 170 9.41 -21.68 -11.56
C PRO A 170 9.70 -20.24 -11.11
N ALA A 171 8.65 -19.48 -10.86
CA ALA A 171 8.77 -18.05 -10.63
C ALA A 171 8.06 -17.65 -9.32
N PRO A 172 8.78 -17.14 -8.32
CA PRO A 172 10.24 -17.08 -8.23
C PRO A 172 10.83 -18.47 -8.09
N ALA A 173 12.13 -18.56 -8.33
CA ALA A 173 12.81 -19.82 -8.33
C ALA A 173 13.11 -20.34 -6.94
N GLN A 174 12.99 -19.50 -5.92
CA GLN A 174 13.34 -19.98 -4.59
C GLN A 174 12.18 -20.73 -3.90
N GLY A 175 12.56 -21.68 -3.05
CA GLY A 175 11.63 -22.49 -2.27
C GLY A 175 11.07 -23.69 -2.99
N ILE A 176 11.69 -24.07 -4.11
CA ILE A 176 11.22 -25.20 -4.91
C ILE A 176 11.93 -26.45 -4.46
N ASN A 177 11.19 -27.53 -4.27
CA ASN A 177 11.77 -28.84 -3.92
C ASN A 177 11.89 -29.69 -5.18
N GLU A 178 12.98 -30.46 -5.25
CA GLU A 178 13.32 -31.29 -6.38
C GLU A 178 12.22 -32.25 -6.82
N GLU A 179 11.34 -32.60 -5.88
CA GLU A 179 10.36 -33.65 -6.13
C GLU A 179 9.42 -33.30 -7.27
N ILE A 180 9.20 -32.00 -7.50
CA ILE A 180 8.19 -31.56 -8.46
C ILE A 180 8.55 -31.91 -9.90
N PHE A 181 9.84 -31.94 -10.21
CA PHE A 181 10.32 -31.94 -11.59
C PHE A 181 9.89 -33.17 -12.39
N GLN A 182 9.91 -34.33 -11.76
CA GLN A 182 9.55 -35.60 -12.41
C GLN A 182 8.08 -35.62 -12.86
N TYR A 183 7.26 -34.80 -12.23
CA TYR A 183 5.83 -34.68 -12.56
C TYR A 183 5.53 -33.66 -13.65
N LEU A 184 6.54 -32.95 -14.15
CA LEU A 184 6.33 -31.86 -15.10
C LEU A 184 6.36 -32.31 -16.54
N ASP A 185 5.43 -31.78 -17.33
CA ASP A 185 5.47 -31.90 -18.78
C ASP A 185 6.23 -30.72 -19.38
N TYR A 186 6.07 -29.54 -18.78
CA TYR A 186 6.79 -28.34 -19.18
C TYR A 186 7.33 -27.61 -17.97
N LEU A 187 8.63 -27.28 -18.03
CA LEU A 187 9.24 -26.37 -17.08
C LEU A 187 9.64 -25.13 -17.87
N THR A 188 9.24 -23.95 -17.40
CA THR A 188 9.36 -22.73 -18.22
C THR A 188 10.13 -21.63 -17.51
N PRO A 189 11.41 -21.87 -17.20
CA PRO A 189 12.16 -20.84 -16.49
C PRO A 189 12.59 -19.74 -17.45
N ASN A 190 12.71 -18.51 -16.94
CA ASN A 190 13.44 -17.48 -17.67
C ASN A 190 14.93 -17.66 -17.38
N GLU A 191 15.76 -16.76 -17.90
CA GLU A 191 17.20 -16.98 -17.86
C GLU A 191 17.78 -16.88 -16.45
N LYS A 192 17.30 -15.92 -15.68
CA LYS A 192 17.72 -15.79 -14.28
C LYS A 192 17.24 -17.00 -13.46
N GLU A 193 16.02 -17.46 -13.72
CA GLU A 193 15.52 -18.62 -13.03
C GLU A 193 16.29 -19.90 -13.32
N ILE A 194 16.58 -20.17 -14.59
CA ILE A 194 17.24 -21.41 -14.91
C ILE A 194 18.64 -21.44 -14.25
N GLU A 195 19.28 -20.26 -14.14
CA GLU A 195 20.55 -20.10 -13.47
C GLU A 195 20.44 -20.50 -12.00
N ALA A 196 19.50 -19.86 -11.31
CA ALA A 196 19.29 -20.12 -9.90
C ALA A 196 18.97 -21.61 -9.69
N LEU A 197 18.04 -22.12 -10.48
CA LEU A 197 17.65 -23.52 -10.41
C LEU A 197 18.83 -24.46 -10.64
N SER A 198 19.68 -24.14 -11.61
CA SER A 198 20.81 -25.03 -11.92
C SER A 198 21.83 -25.07 -10.76
N LYS A 199 22.14 -23.89 -10.25
CA LYS A 199 23.01 -23.73 -9.09
C LYS A 199 22.42 -24.56 -7.93
N ASP A 200 21.13 -24.37 -7.64
CA ASP A 200 20.52 -25.03 -6.50
C ASP A 200 20.49 -26.54 -6.64
N PHE A 201 20.06 -27.02 -7.79
CA PHE A 201 19.82 -28.46 -7.94
C PHE A 201 20.97 -29.28 -8.55
N PHE A 202 21.82 -28.63 -9.31
CA PHE A 202 22.91 -29.35 -9.96
C PHE A 202 24.28 -28.83 -9.49
N GLY A 203 24.30 -27.90 -8.54
CA GLY A 203 25.53 -27.40 -7.94
C GLY A 203 26.38 -26.45 -8.78
N GLU A 204 25.90 -26.09 -9.97
CA GLU A 204 26.63 -25.21 -10.86
C GLU A 204 25.66 -24.71 -11.91
N PHE A 205 26.10 -23.69 -12.64
CA PHE A 205 25.44 -23.26 -13.85
C PHE A 205 26.51 -23.16 -14.91
N LEU A 206 26.43 -24.02 -15.91
CA LEU A 206 27.29 -23.94 -17.07
C LEU A 206 26.61 -23.08 -18.13
N THR A 207 25.55 -23.64 -18.70
CA THR A 207 24.82 -23.01 -19.79
C THR A 207 23.37 -23.32 -19.59
N VAL A 208 22.57 -22.60 -20.36
CA VAL A 208 21.16 -22.76 -20.34
C VAL A 208 20.76 -24.13 -20.92
N GLU A 209 21.39 -24.52 -22.01
CA GLU A 209 21.11 -25.80 -22.66
C GLU A 209 21.45 -26.98 -21.76
N LYS A 210 22.59 -26.88 -21.07
CA LYS A 210 23.04 -27.97 -20.19
C LYS A 210 22.14 -28.13 -18.98
N ALA A 211 21.63 -27.03 -18.47
CA ALA A 211 20.72 -27.05 -17.31
C ALA A 211 19.38 -27.68 -17.71
N ALA A 212 18.86 -27.24 -18.86
CA ALA A 212 17.62 -27.74 -19.38
C ALA A 212 17.72 -29.25 -19.53
N GLU A 213 18.86 -29.71 -20.04
CA GLU A 213 19.12 -31.14 -20.20
C GLU A 213 19.07 -31.87 -18.89
N LYS A 214 19.65 -31.29 -17.84
CA LYS A 214 19.64 -31.95 -16.55
C LYS A 214 18.25 -32.07 -16.00
N PHE A 215 17.42 -31.07 -16.25
CA PHE A 215 16.04 -31.17 -15.81
C PHE A 215 15.32 -32.32 -16.50
N LEU A 216 15.61 -32.53 -17.78
CA LEU A 216 15.13 -33.73 -18.49
C LEU A 216 15.50 -35.02 -17.73
N GLU A 217 16.71 -35.06 -17.15
CA GLU A 217 17.14 -36.22 -16.39
C GLU A 217 16.37 -36.45 -15.09
N LEU A 218 15.80 -35.39 -14.53
CA LEU A 218 14.97 -35.53 -13.32
C LEU A 218 13.53 -35.95 -13.67
N GLY A 219 13.21 -35.98 -14.96
CA GLY A 219 11.93 -36.45 -15.44
C GLY A 219 11.08 -35.40 -16.12
N VAL A 220 11.55 -34.15 -16.15
CA VAL A 220 10.83 -33.07 -16.83
C VAL A 220 10.79 -33.45 -18.30
N LYS A 221 9.61 -33.37 -18.91
CA LYS A 221 9.47 -33.82 -20.30
C LYS A 221 9.96 -32.78 -21.30
N ASN A 222 9.66 -31.51 -21.05
CA ASN A 222 10.09 -30.41 -21.92
C ASN A 222 10.57 -29.24 -21.06
N VAL A 223 11.72 -28.67 -21.40
CA VAL A 223 12.09 -27.38 -20.82
C VAL A 223 11.93 -26.28 -21.87
N ILE A 224 11.22 -25.22 -21.50
CA ILE A 224 11.12 -24.03 -22.35
C ILE A 224 11.82 -22.92 -21.62
N VAL A 225 12.95 -22.48 -22.14
CA VAL A 225 13.65 -21.38 -21.51
C VAL A 225 13.30 -20.08 -22.20
N LYS A 226 12.66 -19.17 -21.47
CA LYS A 226 12.30 -17.86 -22.02
C LYS A 226 13.51 -16.96 -21.97
N LEU A 227 14.02 -16.55 -23.13
CA LEU A 227 15.27 -15.74 -23.17
C LEU A 227 15.09 -14.25 -23.50
N GLY A 228 13.88 -13.70 -23.39
CA GLY A 228 13.66 -12.28 -23.68
C GLY A 228 13.86 -11.98 -25.16
N ASP A 229 14.80 -11.09 -25.47
CA ASP A 229 15.15 -10.71 -26.85
C ASP A 229 15.62 -11.89 -27.66
N LYS A 230 16.25 -12.84 -26.96
CA LYS A 230 16.97 -13.91 -27.64
C LYS A 230 16.00 -15.00 -28.01
N GLY A 231 14.76 -14.89 -27.52
CA GLY A 231 13.72 -15.77 -27.93
C GLY A 231 13.48 -16.80 -26.87
N VAL A 232 13.27 -18.04 -27.31
CA VAL A 232 12.92 -19.11 -26.42
C VAL A 232 13.68 -20.36 -26.87
N LEU A 233 14.03 -21.18 -25.90
CA LEU A 233 14.68 -22.44 -26.19
C LEU A 233 13.75 -23.56 -25.77
N LEU A 234 13.48 -24.49 -26.67
CA LEU A 234 12.75 -25.71 -26.34
C LEU A 234 13.74 -26.84 -26.28
N VAL A 235 13.74 -27.58 -25.18
CA VAL A 235 14.62 -28.72 -25.00
C VAL A 235 13.79 -29.92 -24.56
N ASN A 236 13.87 -30.98 -25.33
CA ASN A 236 13.31 -32.28 -24.94
C ASN A 236 14.20 -33.41 -25.47
N LYS A 237 13.83 -34.65 -25.16
CA LYS A 237 14.56 -35.84 -25.65
C LYS A 237 14.89 -35.79 -27.15
N ASN A 238 13.99 -35.22 -27.95
CA ASN A 238 14.08 -35.31 -29.41
C ASN A 238 14.70 -34.08 -30.08
N GLU A 239 14.84 -32.98 -29.36
CA GLU A 239 15.26 -31.72 -29.97
C GLU A 239 15.68 -30.61 -29.01
N LYS A 240 16.46 -29.69 -29.54
CA LYS A 240 16.92 -28.52 -28.81
C LYS A 240 16.69 -27.34 -29.76
N LYS A 241 15.42 -26.98 -29.96
CA LYS A 241 15.06 -26.01 -30.99
C LYS A 241 15.05 -24.59 -30.43
N HIS A 242 15.84 -23.71 -31.03
CA HIS A 242 15.81 -22.30 -30.68
C HIS A 242 14.81 -21.57 -31.58
N PHE A 243 13.95 -20.77 -30.95
CA PHE A 243 12.94 -19.98 -31.61
C PHE A 243 13.30 -18.52 -31.41
N PRO A 244 13.74 -17.85 -32.49
CA PRO A 244 13.85 -16.40 -32.34
C PRO A 244 12.49 -15.74 -32.08
N THR A 245 12.54 -14.55 -31.50
CA THR A 245 11.33 -13.83 -31.20
C THR A 245 11.16 -12.79 -32.27
N PHE A 246 10.06 -12.06 -32.15
CA PHE A 246 9.67 -11.10 -33.14
C PHE A 246 10.23 -9.77 -32.72
N LYS A 247 10.90 -9.09 -33.65
CA LYS A 247 11.51 -7.80 -33.36
C LYS A 247 10.36 -6.81 -33.24
N VAL A 248 10.10 -6.40 -32.00
CA VAL A 248 9.11 -5.38 -31.69
C VAL A 248 9.82 -4.28 -30.88
N LYS A 249 9.27 -3.08 -30.87
CA LYS A 249 9.76 -2.04 -29.98
C LYS A 249 9.16 -2.27 -28.60
N ALA A 250 9.93 -2.92 -27.71
CA ALA A 250 9.51 -3.17 -26.33
C ALA A 250 9.43 -1.87 -25.54
N VAL A 251 8.43 -1.79 -24.67
CA VAL A 251 8.25 -0.67 -23.76
C VAL A 251 8.19 -1.13 -22.30
N ASP A 252 7.76 -2.39 -22.10
CA ASP A 252 7.48 -2.89 -20.78
C ASP A 252 7.37 -4.39 -20.89
N THR A 253 8.34 -5.10 -20.36
CA THR A 253 8.38 -6.56 -20.43
C THR A 253 7.63 -7.24 -19.29
N THR A 254 7.01 -6.44 -18.44
CA THR A 254 6.18 -6.92 -17.35
C THR A 254 5.17 -7.92 -17.85
N ALA A 255 5.15 -9.09 -17.23
CA ALA A 255 4.14 -10.14 -17.48
C ALA A 255 4.33 -10.88 -18.79
N ALA A 256 5.44 -10.61 -19.49
CA ALA A 256 5.70 -11.22 -20.80
C ALA A 256 5.73 -12.74 -20.70
N GLY A 257 6.30 -13.24 -19.60
CA GLY A 257 6.46 -14.69 -19.36
C GLY A 257 5.11 -15.34 -19.07
N ASP A 258 4.29 -14.65 -18.29
CA ASP A 258 2.92 -15.03 -17.97
C ASP A 258 2.07 -15.09 -19.24
N VAL A 259 2.20 -14.07 -20.08
CA VAL A 259 1.53 -14.09 -21.38
C VAL A 259 2.02 -15.26 -22.22
N PHE A 260 3.34 -15.48 -22.28
CA PHE A 260 3.84 -16.62 -22.99
C PHE A 260 3.20 -17.90 -22.49
N ASN A 261 3.22 -18.12 -21.17
CA ASN A 261 2.75 -19.39 -20.63
C ASN A 261 1.27 -19.64 -20.95
N GLY A 262 0.43 -18.61 -20.80
CA GLY A 262 -1.00 -18.72 -21.03
C GLY A 262 -1.33 -18.98 -22.49
N ALA A 263 -0.69 -18.21 -23.36
CA ALA A 263 -0.84 -18.37 -24.81
C ALA A 263 -0.28 -19.71 -25.29
N PHE A 264 0.90 -20.09 -24.78
CA PHE A 264 1.43 -21.44 -25.04
C PHE A 264 0.40 -22.51 -24.73
N ALA A 265 -0.23 -22.41 -23.57
CA ALA A 265 -1.20 -23.39 -23.10
C ALA A 265 -2.47 -23.40 -23.96
N VAL A 266 -2.95 -22.21 -24.36
CA VAL A 266 -4.08 -22.06 -25.30
C VAL A 266 -3.83 -22.80 -26.59
N ALA A 267 -2.63 -22.66 -27.13
CA ALA A 267 -2.22 -23.36 -28.33
C ALA A 267 -2.27 -24.89 -28.18
N LEU A 268 -1.65 -25.41 -27.14
CA LEU A 268 -1.75 -26.83 -26.85
C LEU A 268 -3.23 -27.26 -26.76
N SER A 269 -4.05 -26.47 -26.07
CA SER A 269 -5.45 -26.78 -25.89
C SER A 269 -6.15 -26.93 -27.23
N GLU A 270 -5.74 -26.14 -28.22
CA GLU A 270 -6.30 -26.19 -29.56
C GLU A 270 -5.64 -27.22 -30.47
N GLY A 271 -4.78 -28.07 -29.91
CA GLY A 271 -4.21 -29.20 -30.64
C GLY A 271 -2.97 -28.84 -31.42
N LYS A 272 -2.39 -27.67 -31.14
CA LYS A 272 -1.12 -27.32 -31.76
C LYS A 272 0.01 -28.13 -31.11
N ASN A 273 1.01 -28.51 -31.92
CA ASN A 273 2.21 -29.18 -31.39
C ASN A 273 3.07 -28.17 -30.64
N PRO A 274 3.95 -28.65 -29.74
CA PRO A 274 4.67 -27.75 -28.85
C PRO A 274 5.48 -26.66 -29.56
N GLU A 275 6.00 -26.98 -30.74
CA GLU A 275 6.76 -26.02 -31.53
C GLU A 275 5.80 -24.91 -32.03
N GLU A 276 4.65 -25.31 -32.58
CA GLU A 276 3.60 -24.36 -32.96
C GLU A 276 3.16 -23.53 -31.76
N ALA A 277 2.97 -24.20 -30.62
CA ALA A 277 2.53 -23.51 -29.41
C ALA A 277 3.54 -22.48 -28.93
N VAL A 278 4.84 -22.82 -29.04
CA VAL A 278 5.91 -21.85 -28.72
C VAL A 278 5.81 -20.63 -29.62
N ILE A 279 5.63 -20.87 -30.91
CA ILE A 279 5.53 -19.74 -31.83
C ILE A 279 4.37 -18.84 -31.41
N PHE A 280 3.23 -19.47 -31.14
CA PHE A 280 2.03 -18.77 -30.83
C PHE A 280 2.18 -17.92 -29.56
N GLY A 281 2.76 -18.53 -28.53
CA GLY A 281 3.05 -17.84 -27.29
C GLY A 281 4.07 -16.74 -27.44
N THR A 282 5.06 -16.99 -28.27
CA THR A 282 6.07 -15.99 -28.60
C THR A 282 5.40 -14.74 -29.21
N ALA A 283 4.44 -14.97 -30.10
CA ALA A 283 3.75 -13.87 -30.74
C ALA A 283 2.96 -13.03 -29.75
N ALA A 284 2.26 -13.73 -28.86
CA ALA A 284 1.45 -13.11 -27.81
C ALA A 284 2.28 -12.32 -26.81
N ALA A 285 3.39 -12.92 -26.34
CA ALA A 285 4.34 -12.23 -25.48
C ALA A 285 4.85 -10.98 -26.17
N ALA A 286 5.24 -11.12 -27.43
CA ALA A 286 5.86 -10.05 -28.18
C ALA A 286 4.95 -8.83 -28.31
N ILE A 287 3.64 -9.07 -28.42
CA ILE A 287 2.68 -7.98 -28.49
C ILE A 287 2.56 -7.34 -27.12
N SER A 288 2.55 -8.17 -26.07
CA SER A 288 2.44 -7.65 -24.71
C SER A 288 3.58 -6.69 -24.35
N VAL A 289 4.82 -6.97 -24.76
CA VAL A 289 5.97 -6.14 -24.34
C VAL A 289 5.93 -4.76 -24.98
N THR A 290 5.04 -4.62 -25.95
CA THR A 290 4.81 -3.31 -26.57
C THR A 290 3.76 -2.51 -25.83
N ARG A 291 3.26 -3.00 -24.70
CA ARG A 291 2.25 -2.25 -23.97
C ARG A 291 2.58 -2.16 -22.50
N LEU A 292 2.35 -0.97 -21.96
CA LEU A 292 2.50 -0.68 -20.53
C LEU A 292 1.63 -1.59 -19.71
N GLY A 293 2.21 -2.20 -18.67
CA GLY A 293 1.42 -2.88 -17.70
C GLY A 293 1.49 -4.38 -17.79
N ALA A 294 0.86 -5.01 -16.81
CA ALA A 294 0.78 -6.44 -16.72
C ALA A 294 -0.44 -6.90 -17.50
N GLN A 295 -1.60 -7.00 -16.84
CA GLN A 295 -2.78 -7.56 -17.51
C GLN A 295 -3.30 -6.66 -18.59
N SER A 296 -3.08 -5.37 -18.42
CA SER A 296 -3.44 -4.45 -19.46
C SER A 296 -2.66 -4.68 -20.79
N SER A 297 -1.51 -5.36 -20.75
CA SER A 297 -0.75 -5.61 -21.99
C SER A 297 -1.19 -6.84 -22.78
N ILE A 298 -2.06 -7.66 -22.18
CA ILE A 298 -2.39 -8.96 -22.74
C ILE A 298 -3.15 -8.76 -24.04
N PRO A 299 -2.64 -9.26 -25.18
CA PRO A 299 -3.44 -9.02 -26.35
C PRO A 299 -4.73 -9.89 -26.43
N ALA A 300 -5.66 -9.42 -27.22
CA ALA A 300 -6.81 -10.22 -27.55
C ALA A 300 -6.41 -11.18 -28.68
N ARG A 301 -7.12 -12.31 -28.76
CA ARG A 301 -6.86 -13.34 -29.74
C ARG A 301 -6.71 -12.78 -31.17
N GLU A 302 -7.62 -11.91 -31.57
CA GLU A 302 -7.54 -11.29 -32.89
C GLU A 302 -6.21 -10.54 -33.10
N GLU A 303 -5.69 -9.90 -32.05
CA GLU A 303 -4.41 -9.24 -32.17
C GLU A 303 -3.30 -10.24 -32.47
N VAL A 304 -3.28 -11.36 -31.73
CA VAL A 304 -2.27 -12.40 -31.89
C VAL A 304 -2.34 -12.97 -33.32
N GLU A 305 -3.54 -13.19 -33.81
CA GLU A 305 -3.73 -13.71 -35.19
C GLU A 305 -3.28 -12.71 -36.26
N ALA A 306 -3.58 -11.44 -36.06
CA ALA A 306 -3.16 -10.39 -36.98
C ALA A 306 -1.63 -10.27 -37.00
N PHE A 307 -1.00 -10.53 -35.86
CA PHE A 307 0.45 -10.51 -35.78
C PHE A 307 1.08 -11.58 -36.70
N LEU A 308 0.62 -12.82 -36.48
CA LEU A 308 1.13 -14.01 -37.12
C LEU A 308 0.87 -13.98 -38.62
N LYS A 309 -0.30 -13.46 -39.01
CA LYS A 309 -0.66 -13.30 -40.40
C LYS A 309 0.28 -12.29 -41.06
N ASN A 310 0.46 -11.15 -40.39
CA ASN A 310 1.38 -10.08 -40.83
C ASN A 310 2.84 -10.50 -41.11
N LEU A 311 3.24 -11.90 -40.83
CA LEU A 311 4.62 -12.24 -40.99
C LEU A 311 4.84 -12.77 -42.39
N PHE B 14 -20.20 24.05 27.76
CA PHE B 14 -18.84 23.88 27.19
C PHE B 14 -18.80 24.43 25.76
N LEU B 15 -17.62 24.83 25.31
CA LEU B 15 -17.46 25.36 23.97
C LEU B 15 -17.41 24.19 23.00
N VAL B 16 -17.95 24.36 21.80
CA VAL B 16 -18.04 23.25 20.84
C VAL B 16 -16.83 23.26 19.95
N ILE B 17 -16.26 22.07 19.76
CA ILE B 17 -15.06 21.87 18.99
C ILE B 17 -15.36 21.21 17.65
N SER B 18 -14.79 21.76 16.58
CA SER B 18 -14.71 21.13 15.28
C SER B 18 -13.25 20.96 14.94
N VAL B 19 -12.94 19.85 14.27
CA VAL B 19 -11.68 19.63 13.66
C VAL B 19 -11.95 19.67 12.15
N VAL B 20 -11.12 20.38 11.39
CA VAL B 20 -11.21 20.30 9.93
C VAL B 20 -9.86 19.83 9.47
N GLY B 21 -9.81 18.63 8.88
CA GLY B 21 -8.53 18.01 8.56
C GLY B 21 -8.61 16.61 8.00
N SER B 22 -7.50 15.91 8.16
CA SER B 22 -7.22 14.73 7.39
C SER B 22 -7.58 13.48 8.15
N SER B 23 -7.97 12.47 7.37
CA SER B 23 -8.20 11.12 7.86
C SER B 23 -7.40 10.23 6.93
N ASN B 24 -6.83 9.23 7.52
CA ASN B 24 -6.00 8.32 6.79
C ASN B 24 -6.31 6.95 7.36
N ILE B 25 -6.13 5.94 6.53
CA ILE B 25 -5.86 4.61 7.02
C ILE B 25 -4.37 4.50 7.04
N ASP B 26 -3.87 4.04 8.16
CA ASP B 26 -2.44 3.86 8.39
C ASP B 26 -2.16 2.37 8.12
N ILE B 27 -1.35 2.11 7.11
CA ILE B 27 -1.10 0.74 6.68
C ILE B 27 0.29 0.43 7.13
N VAL B 28 0.40 -0.41 8.17
CA VAL B 28 1.67 -0.68 8.82
C VAL B 28 2.20 -1.98 8.26
N LEU B 29 3.31 -1.86 7.57
CA LEU B 29 4.01 -3.00 7.00
C LEU B 29 5.22 -3.31 7.86
N LYS B 30 5.18 -4.41 8.57
CA LYS B 30 6.31 -4.84 9.39
C LYS B 30 7.25 -5.62 8.51
N VAL B 31 8.53 -5.24 8.55
CA VAL B 31 9.59 -5.86 7.76
C VAL B 31 10.82 -6.08 8.64
N ASP B 32 11.67 -6.99 8.20
CA ASP B 32 12.89 -7.25 8.94
C ASP B 32 13.78 -6.01 8.91
N HIS B 33 14.00 -5.47 7.71
CA HIS B 33 14.89 -4.36 7.50
C HIS B 33 14.24 -3.45 6.49
N PHE B 34 14.66 -2.20 6.48
CA PHE B 34 14.15 -1.29 5.48
C PHE B 34 14.47 -1.83 4.10
N THR B 35 13.43 -1.92 3.28
CA THR B 35 13.57 -2.41 1.91
C THR B 35 14.54 -1.50 1.13
N LYS B 36 15.51 -2.13 0.47
CA LYS B 36 16.52 -1.38 -0.27
C LYS B 36 16.02 -1.19 -1.70
N PRO B 37 16.55 -0.17 -2.41
CA PRO B 37 16.20 0.00 -3.83
C PRO B 37 16.53 -1.26 -4.63
N GLY B 38 15.59 -1.75 -5.43
CA GLY B 38 15.83 -2.97 -6.23
C GLY B 38 15.43 -4.24 -5.50
N GLU B 39 15.14 -4.12 -4.20
CA GLU B 39 14.85 -5.28 -3.35
C GLU B 39 13.35 -5.55 -3.30
N THR B 40 12.99 -6.83 -3.29
CA THR B 40 11.65 -7.28 -3.03
C THR B 40 11.75 -7.96 -1.69
N GLN B 41 10.93 -7.55 -0.73
CA GLN B 41 10.98 -8.11 0.63
C GLN B 41 9.57 -8.44 1.04
N LYS B 42 9.36 -9.59 1.69
CA LYS B 42 8.06 -9.96 2.22
C LYS B 42 7.77 -9.17 3.49
N ALA B 43 6.54 -8.67 3.62
CA ALA B 43 6.10 -8.07 4.88
C ALA B 43 5.83 -9.21 5.87
N ILE B 44 6.39 -9.08 7.07
CA ILE B 44 6.11 -10.04 8.15
C ILE B 44 4.65 -9.94 8.57
N GLU B 45 4.15 -8.71 8.67
CA GLU B 45 2.76 -8.45 8.97
C GLU B 45 2.29 -7.25 8.17
N MET B 46 0.99 -7.20 7.93
CA MET B 46 0.31 -5.98 7.52
C MET B 46 -0.89 -5.78 8.43
N ASN B 47 -0.96 -4.61 9.05
CA ASN B 47 -2.08 -4.26 9.91
C ASN B 47 -2.50 -2.83 9.58
N VAL B 48 -3.80 -2.59 9.60
CA VAL B 48 -4.35 -1.27 9.26
C VAL B 48 -5.04 -0.67 10.50
N PHE B 49 -4.91 0.63 10.62
CA PHE B 49 -5.42 1.35 11.76
C PHE B 49 -5.96 2.69 11.27
N PRO B 50 -7.05 3.16 11.90
CA PRO B 50 -7.52 4.49 11.56
C PRO B 50 -6.46 5.53 11.99
N GLY B 51 -6.31 6.56 11.18
CA GLY B 51 -5.26 7.53 11.39
C GLY B 51 -5.56 8.88 10.79
N GLY B 52 -4.50 9.69 10.70
CA GLY B 52 -4.51 11.03 10.13
C GLY B 52 -4.47 12.02 11.26
N LYS B 53 -3.66 13.08 11.06
CA LYS B 53 -3.46 14.13 12.06
C LYS B 53 -4.82 14.69 12.49
N GLY B 54 -5.67 15.01 11.52
CA GLY B 54 -6.99 15.49 11.84
C GLY B 54 -7.79 14.52 12.68
N ALA B 55 -7.80 13.26 12.27
CA ALA B 55 -8.57 12.24 12.97
C ALA B 55 -8.01 11.97 14.35
N ASN B 56 -6.69 11.92 14.45
CA ASN B 56 -6.07 11.74 15.71
C ASN B 56 -6.49 12.81 16.70
N GLN B 57 -6.58 14.05 16.22
CA GLN B 57 -7.04 15.15 17.07
C GLN B 57 -8.52 15.07 17.41
N ALA B 58 -9.32 14.70 16.43
CA ALA B 58 -10.74 14.48 16.62
C ALA B 58 -11.04 13.37 17.59
N VAL B 59 -10.35 12.25 17.41
CA VAL B 59 -10.47 11.11 18.31
C VAL B 59 -10.04 11.47 19.73
N THR B 60 -8.97 12.27 19.85
CA THR B 60 -8.55 12.79 21.16
C THR B 60 -9.64 13.63 21.80
N VAL B 61 -10.18 14.56 21.02
CA VAL B 61 -11.26 15.39 21.53
C VAL B 61 -12.44 14.54 22.00
N ALA B 62 -12.84 13.58 21.18
CA ALA B 62 -13.95 12.70 21.49
C ALA B 62 -13.71 11.89 22.76
N LYS B 63 -12.54 11.28 22.85
CA LYS B 63 -12.19 10.41 23.97
C LYS B 63 -11.95 11.17 25.28
N ILE B 64 -11.26 12.29 25.18
CA ILE B 64 -10.91 13.04 26.38
C ILE B 64 -12.04 14.00 26.77
N GLY B 65 -12.67 14.62 25.78
CA GLY B 65 -13.78 15.53 26.02
C GLY B 65 -15.07 14.81 26.36
N GLU B 66 -15.22 13.58 25.86
CA GLU B 66 -16.37 12.72 26.14
C GLU B 66 -17.69 13.24 25.60
N LYS B 67 -17.63 14.19 24.67
CA LYS B 67 -18.82 14.75 24.06
C LYS B 67 -18.73 14.63 22.55
N GLY B 68 -18.04 13.57 22.08
CA GLY B 68 -17.88 13.35 20.66
C GLY B 68 -16.97 14.41 20.05
N CYS B 69 -17.08 14.58 18.74
CA CYS B 69 -16.36 15.64 18.04
C CYS B 69 -16.96 15.87 16.68
N ARG B 70 -17.08 17.13 16.29
CA ARG B 70 -17.37 17.47 14.92
C ARG B 70 -16.05 17.52 14.15
N PHE B 71 -15.98 16.72 13.08
CA PHE B 71 -14.75 16.50 12.38
C PHE B 71 -15.10 16.51 10.91
N VAL B 72 -14.76 17.61 10.24
CA VAL B 72 -14.96 17.74 8.81
C VAL B 72 -13.72 17.16 8.17
N THR B 73 -13.94 16.13 7.36
CA THR B 73 -12.86 15.33 6.81
C THR B 73 -13.43 14.61 5.59
N CYS B 74 -12.57 14.37 4.59
CA CYS B 74 -12.96 13.67 3.40
C CYS B 74 -12.35 12.28 3.39
N ILE B 75 -13.19 11.27 3.26
CA ILE B 75 -12.75 9.91 3.16
C ILE B 75 -13.30 9.32 1.87
N GLY B 76 -12.93 8.08 1.57
CA GLY B 76 -13.36 7.47 0.34
C GLY B 76 -14.66 6.72 0.46
N ASN B 77 -14.85 5.78 -0.45
CA ASN B 77 -16.04 4.91 -0.46
C ASN B 77 -15.62 3.44 -0.36
N ASP B 78 -14.42 3.24 0.17
CA ASP B 78 -13.75 1.95 0.17
C ASP B 78 -13.80 1.29 1.56
N ASP B 79 -13.34 0.06 1.66
CA ASP B 79 -13.30 -0.69 2.95
C ASP B 79 -12.66 0.10 4.08
N TYR B 80 -11.58 0.80 3.76
CA TYR B 80 -10.84 1.54 4.77
C TYR B 80 -11.70 2.70 5.29
N SER B 81 -12.44 3.34 4.38
CA SER B 81 -13.43 4.35 4.71
C SER B 81 -14.46 3.81 5.69
N ASP B 82 -15.03 2.64 5.40
CA ASP B 82 -15.99 1.95 6.29
C ASP B 82 -15.41 1.76 7.68
N LEU B 83 -14.16 1.37 7.71
CA LEU B 83 -13.42 1.18 8.92
C LEU B 83 -13.30 2.47 9.72
N LEU B 84 -12.95 3.55 9.04
CA LEU B 84 -12.90 4.84 9.71
C LEU B 84 -14.27 5.28 10.24
N ILE B 85 -15.33 5.10 9.46
CA ILE B 85 -16.67 5.52 9.85
C ILE B 85 -17.10 4.75 11.11
N GLU B 86 -16.83 3.46 11.12
CA GLU B 86 -17.09 2.61 12.28
C GLU B 86 -16.43 3.16 13.54
N ASN B 87 -15.19 3.59 13.37
CA ASN B 87 -14.39 4.21 14.44
C ASN B 87 -15.04 5.53 14.87
N TYR B 88 -15.40 6.37 13.90
CA TYR B 88 -15.97 7.67 14.17
C TYR B 88 -17.29 7.54 14.87
N GLU B 89 -18.14 6.66 14.36
CA GLU B 89 -19.49 6.43 14.87
C GLU B 89 -19.48 5.99 16.33
N LYS B 90 -18.62 5.04 16.67
CA LYS B 90 -18.45 4.59 18.07
C LYS B 90 -18.05 5.75 18.99
N LEU B 91 -17.27 6.69 18.48
CA LEU B 91 -16.78 7.79 19.32
C LEU B 91 -17.69 9.04 19.31
N GLY B 92 -18.78 9.00 18.57
CA GLY B 92 -19.64 10.18 18.42
C GLY B 92 -18.99 11.27 17.59
N ILE B 93 -18.18 10.86 16.62
CA ILE B 93 -17.53 11.80 15.69
C ILE B 93 -18.35 11.88 14.39
N THR B 94 -18.82 13.10 14.08
CA THR B 94 -19.68 13.34 12.92
C THR B 94 -19.04 14.40 12.02
N GLY B 95 -19.43 14.42 10.75
CA GLY B 95 -18.98 15.49 9.83
C GLY B 95 -18.17 15.00 8.65
N TYR B 96 -17.86 13.70 8.62
CA TYR B 96 -17.11 13.10 7.53
C TYR B 96 -17.88 13.20 6.24
N ILE B 97 -17.13 13.32 5.13
CA ILE B 97 -17.69 13.43 3.77
C ILE B 97 -17.02 12.36 2.94
N ARG B 98 -17.78 11.57 2.24
CA ARG B 98 -17.26 10.52 1.40
C ARG B 98 -17.17 11.00 0.00
N VAL B 99 -16.07 10.67 -0.66
CA VAL B 99 -15.82 11.04 -2.04
C VAL B 99 -15.37 9.79 -2.77
N SER B 100 -15.34 9.84 -4.09
CA SER B 100 -15.02 8.65 -4.88
C SER B 100 -13.53 8.31 -5.02
N LEU B 101 -12.67 9.05 -4.35
CA LEU B 101 -11.28 8.70 -4.39
C LEU B 101 -11.01 7.68 -3.28
N PRO B 102 -9.88 6.93 -3.41
CA PRO B 102 -9.43 6.10 -2.29
C PRO B 102 -9.24 6.96 -1.03
N THR B 103 -9.57 6.38 0.11
CA THR B 103 -9.32 7.04 1.37
C THR B 103 -7.83 7.36 1.46
N GLY B 104 -7.53 8.52 2.05
CA GLY B 104 -6.16 8.89 2.29
C GLY B 104 -5.44 7.76 3.00
N ARG B 105 -4.19 7.54 2.63
CA ARG B 105 -3.39 6.41 3.10
C ARG B 105 -2.02 6.82 3.57
N ALA B 106 -1.58 6.20 4.64
CA ALA B 106 -0.19 6.34 5.02
C ALA B 106 0.41 4.95 5.00
N PHE B 107 1.39 4.74 4.12
CA PHE B 107 2.07 3.46 4.01
C PHE B 107 3.31 3.51 4.87
N ILE B 108 3.30 2.75 5.95
CA ILE B 108 4.26 2.89 7.03
C ILE B 108 5.07 1.61 7.11
N GLU B 109 6.32 1.70 6.66
CA GLU B 109 7.21 0.57 6.69
C GLU B 109 7.95 0.67 8.01
N VAL B 110 7.88 -0.40 8.80
CA VAL B 110 8.54 -0.43 10.11
C VAL B 110 9.44 -1.66 10.22
N ASP B 111 10.73 -1.44 10.52
CA ASP B 111 11.69 -2.52 10.61
C ASP B 111 11.66 -3.15 11.99
N LYS B 112 12.52 -4.14 12.22
CA LYS B 112 12.50 -4.92 13.47
C LYS B 112 12.95 -4.12 14.68
N THR B 113 13.58 -2.96 14.43
CA THR B 113 14.02 -2.07 15.52
C THR B 113 12.90 -1.12 15.88
N GLY B 114 11.89 -1.06 15.03
CA GLY B 114 10.77 -0.15 15.23
C GLY B 114 10.95 1.21 14.60
N GLN B 115 12.07 1.42 13.89
CA GLN B 115 12.20 2.59 13.04
C GLN B 115 11.20 2.47 11.91
N ASN B 116 10.68 3.60 11.47
CA ASN B 116 9.77 3.60 10.35
C ASN B 116 10.06 4.69 9.33
N ARG B 117 9.41 4.56 8.21
CA ARG B 117 9.27 5.64 7.25
C ARG B 117 7.88 5.50 6.66
N ILE B 118 7.46 6.56 5.97
CA ILE B 118 6.07 6.74 5.59
C ILE B 118 5.91 7.39 4.23
N ILE B 119 5.11 6.75 3.38
CA ILE B 119 4.63 7.34 2.15
C ILE B 119 3.18 7.70 2.42
N ILE B 120 2.85 8.96 2.13
CA ILE B 120 1.50 9.44 2.33
C ILE B 120 0.83 9.68 1.00
N PHE B 121 -0.34 9.11 0.84
CA PHE B 121 -1.16 9.36 -0.34
C PHE B 121 -2.37 10.14 0.11
N PRO B 122 -2.48 11.41 -0.29
CA PRO B 122 -3.55 12.29 0.16
C PRO B 122 -4.93 11.69 -0.11
N GLY B 123 -5.11 11.16 -1.32
CA GLY B 123 -6.35 10.51 -1.73
C GLY B 123 -7.52 11.43 -1.46
N ALA B 124 -8.52 10.92 -0.79
CA ALA B 124 -9.71 11.72 -0.45
C ALA B 124 -9.36 13.05 0.25
N ASN B 125 -8.29 13.07 1.03
CA ASN B 125 -7.93 14.29 1.75
C ASN B 125 -7.73 15.48 0.83
N ALA B 126 -7.28 15.21 -0.40
CA ALA B 126 -7.04 16.25 -1.37
C ALA B 126 -8.36 16.84 -1.94
N GLU B 127 -9.48 16.20 -1.64
CA GLU B 127 -10.78 16.69 -2.12
C GLU B 127 -11.46 17.60 -1.12
N LEU B 128 -10.86 17.78 0.04
CA LEU B 128 -11.48 18.61 1.05
C LEU B 128 -11.17 20.08 0.72
N LYS B 129 -12.01 20.60 -0.17
CA LYS B 129 -11.89 21.93 -0.69
C LYS B 129 -13.00 22.84 -0.15
N LYS B 130 -12.83 24.16 -0.34
CA LYS B 130 -13.68 25.16 0.29
C LYS B 130 -15.14 24.88 0.00
N GLU B 131 -15.39 24.44 -1.23
CA GLU B 131 -16.74 24.21 -1.72
C GLU B 131 -17.51 23.17 -0.91
N LEU B 132 -16.81 22.29 -0.20
CA LEU B 132 -17.46 21.22 0.55
C LEU B 132 -17.67 21.58 2.01
N ILE B 133 -17.13 22.69 2.49
CA ILE B 133 -17.29 23.06 3.90
C ILE B 133 -18.71 23.59 4.13
N ASP B 134 -19.39 22.95 5.07
CA ASP B 134 -20.69 23.42 5.51
C ASP B 134 -20.41 24.50 6.52
N TRP B 135 -20.25 25.71 5.99
CA TRP B 135 -19.85 26.89 6.75
C TRP B 135 -20.90 27.26 7.77
N ASN B 136 -22.17 27.05 7.45
CA ASN B 136 -23.21 27.34 8.42
C ASN B 136 -23.10 26.41 9.62
N THR B 137 -22.98 25.11 9.36
CA THR B 137 -22.80 24.16 10.42
C THR B 137 -21.48 24.39 11.19
N LEU B 138 -20.41 24.78 10.50
CA LEU B 138 -19.13 25.07 11.15
C LEU B 138 -19.23 26.29 12.09
N SER B 139 -20.11 27.23 11.79
CA SER B 139 -20.27 28.40 12.64
C SER B 139 -20.95 28.04 13.97
N GLU B 140 -21.50 26.85 14.05
CA GLU B 140 -22.02 26.34 15.32
C GLU B 140 -20.89 26.00 16.32
N SER B 141 -19.65 25.87 15.84
CA SER B 141 -18.51 25.55 16.71
C SER B 141 -17.84 26.80 17.29
N ASP B 142 -17.14 26.64 18.41
CA ASP B 142 -16.42 27.76 19.10
C ASP B 142 -14.89 27.64 19.04
N ILE B 143 -14.43 26.41 18.87
CA ILE B 143 -13.01 26.11 18.80
C ILE B 143 -12.80 25.29 17.53
N LEU B 144 -11.77 25.64 16.77
CA LEU B 144 -11.46 25.00 15.50
C LEU B 144 -10.02 24.52 15.53
N LEU B 145 -9.83 23.24 15.21
CA LEU B 145 -8.54 22.60 15.10
C LEU B 145 -8.18 22.31 13.66
N LEU B 146 -7.00 22.76 13.27
CA LEU B 146 -6.50 22.66 11.90
C LEU B 146 -5.11 22.05 11.90
N GLN B 147 -4.75 21.38 10.81
CA GLN B 147 -3.40 20.90 10.60
C GLN B 147 -2.99 21.25 9.18
N ASN B 148 -1.97 20.62 8.62
CA ASN B 148 -1.62 20.93 7.22
C ASN B 148 -1.56 19.66 6.34
N GLU B 149 -2.58 18.80 6.45
CA GLU B 149 -2.71 17.56 5.67
C GLU B 149 -3.88 17.54 4.66
N ILE B 150 -4.47 18.71 4.42
CA ILE B 150 -5.50 18.87 3.44
C ILE B 150 -4.99 20.07 2.62
N PRO B 151 -5.69 20.40 1.53
CA PRO B 151 -5.27 21.54 0.74
C PRO B 151 -5.18 22.76 1.61
N PHE B 152 -4.03 23.44 1.52
CA PHE B 152 -3.79 24.56 2.38
C PHE B 152 -4.83 25.67 2.24
N GLU B 153 -5.39 25.81 1.05
CA GLU B 153 -6.40 26.83 0.77
C GLU B 153 -7.67 26.58 1.59
N THR B 154 -7.95 25.32 1.90
CA THR B 154 -9.09 24.98 2.71
C THR B 154 -8.85 25.31 4.16
N THR B 155 -7.68 24.92 4.65
CA THR B 155 -7.24 25.22 6.00
C THR B 155 -7.19 26.74 6.20
N LEU B 156 -6.64 27.45 5.22
CA LEU B 156 -6.58 28.91 5.25
C LEU B 156 -7.96 29.55 5.32
N GLU B 157 -8.87 29.04 4.51
CA GLU B 157 -10.21 29.60 4.41
C GLU B 157 -10.94 29.43 5.74
N CYS B 158 -10.79 28.25 6.32
CA CYS B 158 -11.37 27.96 7.62
C CYS B 158 -10.84 28.89 8.70
N ALA B 159 -9.53 29.09 8.74
CA ALA B 159 -8.92 30.00 9.72
C ALA B 159 -9.39 31.45 9.50
N LYS B 160 -9.52 31.84 8.24
CA LYS B 160 -10.04 33.16 7.86
C LYS B 160 -11.48 33.37 8.32
N ARG B 161 -12.32 32.38 8.08
CA ARG B 161 -13.75 32.51 8.29
C ARG B 161 -14.22 32.18 9.69
N PHE B 162 -13.46 31.39 10.42
CA PHE B 162 -13.91 30.95 11.73
C PHE B 162 -14.02 32.08 12.72
N ASN B 163 -15.25 32.30 13.15
CA ASN B 163 -15.55 33.03 14.36
C ASN B 163 -15.41 32.06 15.55
N GLY B 164 -14.27 32.13 16.19
CA GLY B 164 -14.00 31.32 17.35
C GLY B 164 -12.51 31.20 17.50
N ILE B 165 -12.10 30.29 18.38
CA ILE B 165 -10.68 30.04 18.65
C ILE B 165 -10.13 29.14 17.55
N VAL B 166 -9.10 29.63 16.85
CA VAL B 166 -8.46 28.88 15.76
C VAL B 166 -7.08 28.41 16.23
N ILE B 167 -6.94 27.09 16.25
CA ILE B 167 -5.70 26.41 16.60
C ILE B 167 -5.21 25.77 15.32
N PHE B 168 -3.99 26.15 14.90
CA PHE B 168 -3.35 25.60 13.69
C PHE B 168 -2.07 24.86 14.07
N ASP B 169 -2.06 23.56 13.79
CA ASP B 169 -0.92 22.73 13.93
C ASP B 169 -0.18 22.72 12.57
N PRO B 170 1.03 23.32 12.52
CA PRO B 170 1.73 23.46 11.27
C PRO B 170 2.44 22.15 10.88
N ALA B 171 1.65 21.10 10.67
CA ALA B 171 2.20 19.77 10.57
C ALA B 171 1.63 19.07 9.36
N PRO B 172 2.47 18.81 8.32
CA PRO B 172 3.85 19.21 8.14
C PRO B 172 3.95 20.72 7.90
N ALA B 173 5.17 21.25 8.03
CA ALA B 173 5.38 22.69 7.98
C ALA B 173 5.46 23.20 6.54
N GLN B 174 5.60 22.30 5.58
CA GLN B 174 5.81 22.68 4.19
C GLN B 174 4.49 23.03 3.54
N GLY B 175 4.48 24.03 2.67
CA GLY B 175 3.27 24.40 1.93
C GLY B 175 2.37 25.39 2.64
N ILE B 176 2.85 25.97 3.74
CA ILE B 176 2.08 26.95 4.52
C ILE B 176 2.39 28.36 3.98
N ASN B 177 1.33 29.13 3.70
CA ASN B 177 1.46 30.52 3.27
C ASN B 177 1.32 31.40 4.50
N GLU B 178 2.00 32.54 4.45
CA GLU B 178 2.11 33.50 5.55
C GLU B 178 0.79 34.16 5.95
N GLU B 179 -0.20 34.07 5.05
CA GLU B 179 -1.46 34.74 5.23
C GLU B 179 -2.24 34.16 6.39
N ILE B 180 -1.98 32.91 6.73
CA ILE B 180 -2.77 32.23 7.77
C ILE B 180 -2.52 32.77 9.17
N PHE B 181 -1.31 33.27 9.42
CA PHE B 181 -0.84 33.46 10.80
C PHE B 181 -1.67 34.48 11.56
N GLN B 182 -2.04 35.56 10.87
CA GLN B 182 -2.82 36.65 11.45
C GLN B 182 -4.19 36.22 11.93
N TYR B 183 -4.67 35.11 11.40
CA TYR B 183 -5.97 34.54 11.76
C TYR B 183 -5.91 33.54 12.89
N LEU B 184 -4.71 33.25 13.42
CA LEU B 184 -4.57 32.17 14.40
C LEU B 184 -4.67 32.69 15.83
N ASP B 185 -5.35 31.94 16.68
CA ASP B 185 -5.32 32.16 18.12
C ASP B 185 -4.19 31.34 18.75
N TYR B 186 -3.98 30.15 18.21
CA TYR B 186 -2.90 29.29 18.64
C TYR B 186 -2.18 28.72 17.42
N LEU B 187 -0.84 28.78 17.47
CA LEU B 187 0.02 28.07 16.53
C LEU B 187 0.85 27.10 17.35
N THR B 188 0.85 25.84 16.95
CA THR B 188 1.36 24.79 17.82
C THR B 188 2.46 23.93 17.16
N PRO B 189 3.60 24.57 16.80
CA PRO B 189 4.65 23.79 16.15
C PRO B 189 5.38 22.90 17.17
N ASN B 190 5.90 21.77 16.71
CA ASN B 190 6.93 21.14 17.48
C ASN B 190 8.27 21.79 17.10
N GLU B 191 9.36 21.21 17.58
CA GLU B 191 10.67 21.86 17.49
C GLU B 191 11.19 21.90 16.05
N LYS B 192 11.02 20.78 15.34
CA LYS B 192 11.40 20.66 13.93
C LYS B 192 10.61 21.58 13.05
N GLU B 193 9.32 21.71 13.35
CA GLU B 193 8.41 22.58 12.64
C GLU B 193 8.74 24.04 12.86
N ILE B 194 8.97 24.46 14.10
CA ILE B 194 9.24 25.88 14.34
C ILE B 194 10.55 26.34 13.65
N GLU B 195 11.50 25.42 13.53
CA GLU B 195 12.77 25.63 12.84
C GLU B 195 12.57 25.84 11.35
N ALA B 196 11.83 24.93 10.74
CA ALA B 196 11.49 25.03 9.32
C ALA B 196 10.70 26.30 9.01
N LEU B 197 9.68 26.56 9.81
CA LEU B 197 8.83 27.72 9.73
C LEU B 197 9.59 29.01 9.87
N SER B 198 10.53 29.09 10.82
CA SER B 198 11.29 30.31 11.02
C SER B 198 12.15 30.62 9.79
N LYS B 199 12.91 29.63 9.36
CA LYS B 199 13.73 29.72 8.16
C LYS B 199 12.94 30.22 6.95
N ASP B 200 11.78 29.59 6.78
CA ASP B 200 10.87 29.86 5.69
C ASP B 200 10.41 31.31 5.71
N PHE B 201 9.84 31.75 6.82
CA PHE B 201 9.15 33.05 6.88
C PHE B 201 9.99 34.22 7.38
N PHE B 202 11.04 33.95 8.15
CA PHE B 202 11.88 34.99 8.75
C PHE B 202 13.31 34.91 8.27
N GLY B 203 13.58 33.96 7.38
CA GLY B 203 14.88 33.87 6.74
C GLY B 203 16.00 33.36 7.61
N GLU B 204 15.65 32.95 8.84
CA GLU B 204 16.65 32.44 9.77
C GLU B 204 15.94 31.62 10.84
N PHE B 205 16.71 30.86 11.60
CA PHE B 205 16.24 30.24 12.86
C PHE B 205 17.28 30.50 13.94
N LEU B 206 17.00 31.44 14.84
CA LEU B 206 17.89 31.76 15.96
C LEU B 206 17.55 30.76 17.09
N THR B 207 16.39 30.97 17.72
CA THR B 207 15.95 30.16 18.83
C THR B 207 14.45 29.93 18.71
N VAL B 208 13.93 29.09 19.59
CA VAL B 208 12.51 28.81 19.66
C VAL B 208 11.76 30.05 20.14
N GLU B 209 12.31 30.70 21.15
CA GLU B 209 11.68 31.85 21.77
C GLU B 209 11.50 33.01 20.75
N LYS B 210 12.56 33.30 20.00
CA LYS B 210 12.57 34.39 19.05
C LYS B 210 11.67 34.13 17.84
N ALA B 211 11.63 32.88 17.40
CA ALA B 211 10.76 32.49 16.32
C ALA B 211 9.31 32.65 16.75
N ALA B 212 9.02 32.24 17.97
CA ALA B 212 7.69 32.42 18.54
C ALA B 212 7.32 33.88 18.60
N GLU B 213 8.23 34.71 19.09
CA GLU B 213 8.05 36.18 19.11
C GLU B 213 7.73 36.74 17.72
N LYS B 214 8.49 36.31 16.71
CA LYS B 214 8.25 36.77 15.35
C LYS B 214 6.87 36.39 14.80
N PHE B 215 6.33 35.24 15.23
CA PHE B 215 4.99 34.83 14.81
C PHE B 215 3.89 35.70 15.46
N LEU B 216 4.11 36.07 16.73
CA LEU B 216 3.25 37.03 17.39
C LEU B 216 3.16 38.35 16.59
N GLU B 217 4.27 38.75 15.98
CA GLU B 217 4.32 39.93 15.11
C GLU B 217 3.45 39.82 13.86
N LEU B 218 3.24 38.59 13.37
CA LEU B 218 2.39 38.34 12.20
C LEU B 218 0.91 38.23 12.58
N GLY B 219 0.61 38.30 13.87
CA GLY B 219 -0.75 38.37 14.35
C GLY B 219 -1.20 37.16 15.11
N VAL B 220 -0.34 36.14 15.19
CA VAL B 220 -0.66 34.92 15.94
C VAL B 220 -0.79 35.34 17.40
N LYS B 221 -1.87 34.93 18.06
CA LYS B 221 -2.12 35.38 19.44
C LYS B 221 -1.26 34.60 20.45
N ASN B 222 -1.13 33.31 20.24
CA ASN B 222 -0.35 32.47 21.15
C ASN B 222 0.46 31.46 20.37
N VAL B 223 1.75 31.34 20.66
CA VAL B 223 2.53 30.20 20.16
C VAL B 223 2.76 29.20 21.26
N ILE B 224 2.39 27.95 21.00
CA ILE B 224 2.70 26.85 21.89
C ILE B 224 3.69 25.98 21.17
N VAL B 225 4.90 25.95 21.68
CA VAL B 225 5.92 25.12 21.10
C VAL B 225 5.98 23.81 21.88
N LYS B 226 5.71 22.70 21.20
CA LYS B 226 5.80 21.39 21.86
C LYS B 226 7.25 20.88 21.77
N LEU B 227 7.89 20.70 22.91
CA LEU B 227 9.34 20.39 22.98
C LEU B 227 9.70 18.98 23.47
N GLY B 228 8.76 18.06 23.33
CA GLY B 228 9.01 16.65 23.68
C GLY B 228 9.38 16.50 25.15
N ASP B 229 10.56 15.95 25.41
CA ASP B 229 11.09 15.79 26.79
C ASP B 229 11.09 17.09 27.56
N LYS B 230 11.36 18.18 26.83
CA LYS B 230 11.66 19.46 27.49
C LYS B 230 10.38 20.19 27.85
N GLY B 231 9.27 19.64 27.39
CA GLY B 231 7.95 20.13 27.74
C GLY B 231 7.36 20.98 26.65
N VAL B 232 6.77 22.11 27.05
CA VAL B 232 6.06 22.98 26.12
C VAL B 232 6.37 24.44 26.46
N LEU B 233 6.48 25.27 25.44
CA LEU B 233 6.66 26.70 25.67
C LEU B 233 5.41 27.41 25.18
N LEU B 234 4.84 28.24 26.04
CA LEU B 234 3.72 29.10 25.65
C LEU B 234 4.23 30.52 25.59
N VAL B 235 4.03 31.15 24.44
CA VAL B 235 4.49 32.51 24.21
C VAL B 235 3.30 33.34 23.69
N ASN B 236 3.01 34.42 24.41
CA ASN B 236 2.06 35.43 23.95
C ASN B 236 2.54 36.80 24.40
N LYS B 237 1.77 37.82 24.07
CA LYS B 237 1.97 39.20 24.54
C LYS B 237 2.44 39.31 25.98
N ASN B 238 1.80 38.56 26.86
CA ASN B 238 1.93 38.78 28.28
C ASN B 238 2.87 37.84 29.02
N GLU B 239 3.36 36.80 28.34
CA GLU B 239 4.22 35.85 29.00
C GLU B 239 4.90 34.83 28.07
N LYS B 240 5.98 34.24 28.58
CA LYS B 240 6.78 33.21 27.90
C LYS B 240 6.94 32.10 28.95
N LYS B 241 5.89 31.32 29.16
CA LYS B 241 5.87 30.33 30.23
C LYS B 241 6.39 29.00 29.73
N HIS B 242 7.45 28.49 30.36
CA HIS B 242 7.87 27.12 30.13
C HIS B 242 7.11 26.19 31.06
N PHE B 243 6.54 25.13 30.50
CA PHE B 243 5.85 24.09 31.27
C PHE B 243 6.66 22.82 31.13
N PRO B 244 7.21 22.30 32.25
CA PRO B 244 7.93 21.03 32.12
C PRO B 244 6.92 19.91 31.94
N THR B 245 7.35 18.79 31.40
CA THR B 245 6.41 17.70 31.22
C THR B 245 6.63 16.67 32.30
N PHE B 246 5.89 15.57 32.18
CA PHE B 246 5.94 14.51 33.15
C PHE B 246 7.02 13.57 32.74
N LYS B 247 7.81 13.14 33.70
CA LYS B 247 8.78 12.10 33.46
C LYS B 247 8.05 10.77 33.33
N VAL B 248 7.94 10.29 32.09
CA VAL B 248 7.38 8.97 31.82
C VAL B 248 8.43 8.14 31.11
N LYS B 249 8.28 6.81 31.10
CA LYS B 249 9.08 6.01 30.17
C LYS B 249 8.41 5.96 28.79
N ALA B 250 8.95 6.75 27.87
CA ALA B 250 8.43 6.83 26.51
C ALA B 250 8.69 5.56 25.75
N VAL B 251 7.71 5.13 24.94
CA VAL B 251 7.93 3.98 24.03
C VAL B 251 7.66 4.38 22.58
N ASP B 252 6.82 5.36 22.36
CA ASP B 252 6.46 5.77 20.99
C ASP B 252 5.84 7.15 20.99
N THR B 253 6.55 8.10 20.41
CA THR B 253 6.10 9.50 20.47
C THR B 253 5.07 9.83 19.40
N THR B 254 4.76 8.90 18.51
CA THR B 254 3.79 9.11 17.45
C THR B 254 2.46 9.63 17.98
N ALA B 255 1.98 10.68 17.34
CA ALA B 255 0.69 11.30 17.66
C ALA B 255 0.64 12.07 18.99
N ALA B 256 1.77 12.19 19.69
CA ALA B 256 1.81 12.92 20.96
C ALA B 256 1.30 14.34 20.78
N GLY B 257 1.68 14.96 19.66
CA GLY B 257 1.35 16.36 19.36
C GLY B 257 -0.14 16.53 19.09
N ASP B 258 -0.69 15.56 18.33
CA ASP B 258 -2.13 15.45 18.09
C ASP B 258 -2.93 15.34 19.37
N VAL B 259 -2.47 14.44 20.24
CA VAL B 259 -3.04 14.29 21.56
C VAL B 259 -2.95 15.59 22.37
N PHE B 260 -1.77 16.22 22.37
CA PHE B 260 -1.64 17.52 23.00
C PHE B 260 -2.70 18.48 22.49
N ASN B 261 -2.82 18.61 21.18
CA ASN B 261 -3.75 19.61 20.63
C ASN B 261 -5.22 19.33 20.98
N GLY B 262 -5.64 18.09 20.83
CA GLY B 262 -7.00 17.70 21.14
C GLY B 262 -7.34 17.92 22.61
N ALA B 263 -6.45 17.49 23.50
CA ALA B 263 -6.64 17.67 24.94
C ALA B 263 -6.56 19.12 25.35
N PHE B 264 -5.59 19.84 24.79
CA PHE B 264 -5.57 21.30 24.96
C PHE B 264 -6.93 21.93 24.63
N ALA B 265 -7.48 21.54 23.50
CA ALA B 265 -8.75 22.11 23.03
C ALA B 265 -9.92 21.71 23.93
N VAL B 266 -9.91 20.45 24.40
CA VAL B 266 -10.90 20.00 25.40
C VAL B 266 -10.89 20.86 26.65
N ALA B 267 -9.69 21.14 27.15
CA ALA B 267 -9.56 21.99 28.34
C ALA B 267 -10.15 23.40 28.13
N LEU B 268 -9.78 24.03 27.02
CA LEU B 268 -10.38 25.33 26.70
C LEU B 268 -11.90 25.25 26.60
N SER B 269 -12.38 24.21 25.93
CA SER B 269 -13.83 23.99 25.81
C SER B 269 -14.51 23.96 27.17
N GLU B 270 -13.83 23.43 28.18
CA GLU B 270 -14.36 23.34 29.54
C GLU B 270 -14.06 24.56 30.40
N GLY B 271 -13.51 25.61 29.79
CA GLY B 271 -13.33 26.90 30.44
C GLY B 271 -12.04 27.04 31.20
N LYS B 272 -11.11 26.13 30.99
CA LYS B 272 -9.78 26.27 31.58
C LYS B 272 -9.01 27.38 30.87
N ASN B 273 -8.18 28.10 31.62
CA ASN B 273 -7.29 29.09 31.01
C ASN B 273 -6.15 28.42 30.24
N PRO B 274 -5.54 29.14 29.28
CA PRO B 274 -4.59 28.50 28.39
C PRO B 274 -3.45 27.79 29.11
N GLU B 275 -3.04 28.30 30.26
CA GLU B 275 -1.98 27.70 31.04
C GLU B 275 -2.46 26.36 31.64
N GLU B 276 -3.65 26.36 32.21
CA GLU B 276 -4.29 25.14 32.69
C GLU B 276 -4.46 24.15 31.55
N ALA B 277 -4.88 24.63 30.40
CA ALA B 277 -5.12 23.78 29.23
C ALA B 277 -3.83 23.12 28.72
N VAL B 278 -2.74 23.90 28.75
CA VAL B 278 -1.40 23.40 28.42
C VAL B 278 -0.95 22.28 29.39
N ILE B 279 -1.26 22.45 30.67
CA ILE B 279 -0.91 21.45 31.66
C ILE B 279 -1.71 20.18 31.39
N PHE B 280 -3.00 20.35 31.14
CA PHE B 280 -3.89 19.23 30.86
C PHE B 280 -3.44 18.45 29.60
N GLY B 281 -3.17 19.13 28.50
CA GLY B 281 -2.68 18.49 27.29
C GLY B 281 -1.30 17.88 27.39
N THR B 282 -0.46 18.49 28.20
CA THR B 282 0.85 17.90 28.55
C THR B 282 0.69 16.56 29.24
N ALA B 283 -0.29 16.45 30.12
CA ALA B 283 -0.56 15.21 30.80
C ALA B 283 -0.97 14.14 29.80
N ALA B 284 -1.96 14.50 28.97
CA ALA B 284 -2.52 13.61 27.96
C ALA B 284 -1.43 13.10 27.00
N ALA B 285 -0.62 14.02 26.51
CA ALA B 285 0.46 13.68 25.59
C ALA B 285 1.45 12.77 26.23
N ALA B 286 1.77 13.05 27.50
CA ALA B 286 2.77 12.27 28.19
C ALA B 286 2.28 10.83 28.30
N ILE B 287 0.98 10.60 28.53
CA ILE B 287 0.43 9.25 28.67
C ILE B 287 0.59 8.58 27.31
N SER B 288 0.22 9.32 26.26
CA SER B 288 0.27 8.76 24.92
C SER B 288 1.65 8.26 24.49
N VAL B 289 2.73 8.90 24.89
CA VAL B 289 4.05 8.43 24.46
C VAL B 289 4.41 7.10 25.13
N THR B 290 3.68 6.71 26.17
CA THR B 290 3.92 5.43 26.83
C THR B 290 3.18 4.29 26.11
N ARG B 291 2.51 4.59 25.00
CA ARG B 291 1.82 3.54 24.26
C ARG B 291 2.26 3.45 22.85
N LEU B 292 2.33 2.22 22.38
CA LEU B 292 2.59 1.96 20.99
C LEU B 292 1.44 2.45 20.14
N GLY B 293 1.79 3.17 19.08
CA GLY B 293 0.85 3.52 18.04
C GLY B 293 0.39 4.97 18.07
N ALA B 294 -0.46 5.29 17.12
CA ALA B 294 -1.08 6.59 17.04
C ALA B 294 -2.40 6.67 17.81
N GLN B 295 -3.54 6.35 17.20
CA GLN B 295 -4.86 6.48 17.92
C GLN B 295 -5.03 5.54 19.07
N SER B 296 -4.38 4.39 18.98
CA SER B 296 -4.33 3.43 20.07
C SER B 296 -3.65 3.99 21.34
N SER B 297 -2.84 5.05 21.17
CA SER B 297 -2.14 5.68 22.33
C SER B 297 -2.92 6.80 23.03
N ILE B 298 -4.08 7.15 22.48
CA ILE B 298 -4.90 8.24 23.01
C ILE B 298 -5.50 7.78 24.32
N PRO B 299 -5.22 8.50 25.43
CA PRO B 299 -5.77 8.11 26.71
C PRO B 299 -7.25 8.48 26.84
N ALA B 300 -7.95 7.76 27.69
CA ALA B 300 -9.28 8.10 28.10
C ALA B 300 -9.18 9.25 29.12
N ARG B 301 -10.25 10.03 29.22
CA ARG B 301 -10.31 11.12 30.20
C ARG B 301 -9.92 10.67 31.60
N GLU B 302 -10.49 9.57 32.08
CA GLU B 302 -10.15 9.06 33.42
C GLU B 302 -8.63 8.85 33.58
N GLU B 303 -8.00 8.35 32.55
CA GLU B 303 -6.54 8.20 32.60
C GLU B 303 -5.79 9.53 32.76
N VAL B 304 -6.26 10.54 32.04
CA VAL B 304 -5.67 11.86 32.11
C VAL B 304 -5.85 12.41 33.52
N GLU B 305 -7.03 12.22 34.11
CA GLU B 305 -7.33 12.71 35.45
C GLU B 305 -6.51 12.00 36.51
N ALA B 306 -6.45 10.67 36.42
CA ALA B 306 -5.67 9.85 37.33
C ALA B 306 -4.21 10.29 37.29
N PHE B 307 -3.76 10.73 36.14
CA PHE B 307 -2.38 11.20 35.97
C PHE B 307 -2.18 12.46 36.80
N LEU B 308 -3.01 13.46 36.55
CA LEU B 308 -2.92 14.75 37.24
C LEU B 308 -3.19 14.68 38.76
N LYS B 309 -4.06 13.78 39.18
CA LYS B 309 -4.36 13.60 40.59
C LYS B 309 -3.14 12.98 41.27
N ASN B 310 -2.64 11.94 40.61
CA ASN B 310 -1.43 11.19 41.00
C ASN B 310 -0.14 12.04 41.02
#